data_7O1X
#
_entry.id   7O1X
#
_cell.length_a   71.535
_cell.length_b   71.535
_cell.length_c   153.269
_cell.angle_alpha   90.000
_cell.angle_beta   90.000
_cell.angle_gamma   90.000
#
_symmetry.space_group_name_H-M   'P 41 21 2'
#
loop_
_entity.id
_entity.type
_entity.pdbx_description
1 polymer Peroxygenase
2 non-polymer 'MAGNESIUM ION'
3 non-polymer 2-acetamido-2-deoxy-beta-D-glucopyranose
4 non-polymer 'PROTOPORPHYRIN IX CONTAINING FE'
5 non-polymer DI(HYDROXYETHYL)ETHER
6 non-polymer 1-phenyl-1H-imidazole
7 non-polymer GLYCEROL
8 water water
#
_entity_poly.entity_id   1
_entity_poly.type   'polypeptide(L)'
_entity_poly.pdbx_seq_one_letter_code
;MKSLSFSLALGFGSTLVYSAPSPSSGWQAPGPNDVRAPCPMLNTLANHGFLPHDGKGITVNKTIDALGSALNIDANLSTL
LFGFAATTNPQPNATFFDLDHLSRHNILEHDASLSRQDSYFGPADVFNEAVFNQTKSFWTGDIIDVQMAANARIVRLLTS
NLTNPEYSLSDLGSAFSIGESAAYIGILGDKKSATVPKSWVEYLFENERLPYELGFKRPNDPFTTDDLGDLSTQIINAQH
FPQSPGKVEKRGDTRCPYGYH
;
_entity_poly.pdbx_strand_id   A
#
# COMPACT_ATOMS: atom_id res chain seq x y z
N SER A 25 -1.20 -25.15 0.07
N SER A 25 -2.37 -25.33 0.43
CA SER A 25 -2.18 -24.93 -1.07
CA SER A 25 -2.14 -24.94 -0.97
C SER A 25 -2.58 -23.47 -1.14
C SER A 25 -2.57 -23.47 -1.12
N GLY A 26 -2.06 -22.80 -2.15
CA GLY A 26 -2.46 -21.44 -2.49
C GLY A 26 -1.55 -20.34 -2.03
N TRP A 27 -0.59 -20.65 -1.19
CA TRP A 27 0.27 -19.62 -0.60
C TRP A 27 1.63 -20.22 -0.23
N GLN A 28 2.70 -19.51 -0.58
CA GLN A 28 4.05 -19.97 -0.18
C GLN A 28 4.85 -18.72 0.21
N ALA A 29 5.56 -18.78 1.32
CA ALA A 29 6.48 -17.70 1.71
C ALA A 29 7.55 -17.55 0.63
N PRO A 30 8.19 -16.40 0.57
CA PRO A 30 9.32 -16.27 -0.31
C PRO A 30 10.54 -17.03 0.24
N GLY A 31 11.34 -17.48 -0.68
CA GLY A 31 12.59 -18.23 -0.41
C GLY A 31 13.78 -17.37 -0.80
N PRO A 32 14.99 -17.89 -0.59
CA PRO A 32 16.18 -17.06 -0.65
C PRO A 32 16.49 -16.29 -1.96
N ASN A 33 16.17 -16.83 -3.15
CA ASN A 33 16.29 -16.03 -4.43
C ASN A 33 14.99 -15.26 -4.87
N ASP A 34 13.94 -15.22 -4.07
CA ASP A 34 12.72 -14.42 -4.43
C ASP A 34 12.94 -12.99 -3.99
N VAL A 35 12.35 -12.04 -4.69
CA VAL A 35 12.37 -10.64 -4.29
C VAL A 35 11.00 -10.14 -3.94
N ARG A 36 10.99 -9.20 -3.02
CA ARG A 36 9.76 -8.59 -2.50
C ARG A 36 9.92 -7.07 -2.45
N ALA A 37 8.77 -6.43 -2.29
CA ALA A 37 8.59 -4.97 -2.41
C ALA A 37 8.32 -4.37 -1.03
N PRO A 38 8.19 -3.02 -0.99
CA PRO A 38 7.61 -2.40 0.20
C PRO A 38 6.08 -2.37 0.20
N CYS A 39 5.47 -2.94 -0.83
CA CYS A 39 4.00 -3.00 -1.01
C CYS A 39 3.48 -4.29 -0.40
N PRO A 40 2.68 -4.22 0.69
CA PRO A 40 2.14 -5.45 1.27
C PRO A 40 1.25 -6.20 0.31
N MET A 41 0.60 -5.49 -0.61
CA MET A 41 -0.36 -6.20 -1.51
C MET A 41 0.40 -6.91 -2.62
N LEU A 42 1.31 -6.23 -3.31
CA LEU A 42 2.06 -6.98 -4.34
C LEU A 42 2.81 -8.16 -3.73
N ASN A 43 3.37 -7.99 -2.54
CA ASN A 43 4.03 -9.12 -1.85
C ASN A 43 3.04 -10.27 -1.66
N THR A 44 1.84 -9.95 -1.20
CA THR A 44 0.76 -10.94 -0.98
C THR A 44 0.39 -11.61 -2.31
N LEU A 45 0.36 -10.85 -3.40
CA LEU A 45 -0.10 -11.43 -4.69
C LEU A 45 1.03 -12.32 -5.24
N ALA A 46 2.30 -12.01 -4.98
CA ALA A 46 3.42 -12.90 -5.35
C ALA A 46 3.39 -14.17 -4.49
N ASN A 47 3.15 -14.05 -3.18
CA ASN A 47 3.09 -15.20 -2.26
C ASN A 47 2.00 -16.17 -2.73
N HIS A 48 0.91 -15.65 -3.23
CA HIS A 48 -0.21 -16.50 -3.70
C HIS A 48 0.05 -17.02 -5.12
N GLY A 49 0.97 -16.45 -5.88
CA GLY A 49 1.14 -16.83 -7.28
C GLY A 49 0.22 -16.12 -8.25
N PHE A 50 -0.47 -15.04 -7.86
CA PHE A 50 -1.14 -14.17 -8.84
C PHE A 50 -0.06 -13.49 -9.68
N LEU A 51 0.98 -12.99 -8.98
CA LEU A 51 2.17 -12.44 -9.65
C LEU A 51 3.20 -13.58 -9.60
N PRO A 52 4.27 -13.50 -10.43
CA PRO A 52 5.32 -14.51 -10.35
C PRO A 52 5.81 -14.61 -8.90
N HIS A 53 5.98 -15.81 -8.41
CA HIS A 53 6.27 -16.05 -7.00
C HIS A 53 7.68 -15.54 -6.70
N ASP A 54 8.57 -15.51 -7.69
CA ASP A 54 9.91 -14.96 -7.41
C ASP A 54 9.95 -13.42 -7.45
N GLY A 55 8.84 -12.77 -7.76
CA GLY A 55 8.73 -11.32 -7.81
C GLY A 55 9.40 -10.69 -9.01
N LYS A 56 9.79 -11.45 -10.02
CA LYS A 56 10.61 -10.90 -11.13
C LYS A 56 9.82 -10.83 -12.41
N GLY A 57 10.23 -9.93 -13.30
CA GLY A 57 9.77 -9.94 -14.69
C GLY A 57 8.31 -9.63 -14.85
N ILE A 58 7.79 -8.71 -14.05
CA ILE A 58 6.36 -8.36 -14.11
C ILE A 58 6.16 -7.34 -15.23
N THR A 59 5.31 -7.68 -16.17
CA THR A 59 4.97 -6.85 -17.31
C THR A 59 3.57 -6.23 -17.10
N VAL A 60 3.15 -5.39 -18.03
CA VAL A 60 1.83 -4.74 -17.94
C VAL A 60 0.73 -5.80 -18.02
N ASN A 61 0.89 -6.84 -18.85
CA ASN A 61 -0.19 -7.83 -19.02
C ASN A 61 -0.24 -8.68 -17.75
N LYS A 62 0.93 -9.01 -17.16
CA LYS A 62 0.92 -9.81 -15.88
C LYS A 62 0.23 -8.97 -14.79
N THR A 63 0.44 -7.65 -14.80
CA THR A 63 -0.11 -6.74 -13.76
C THR A 63 -1.65 -6.69 -13.92
N ILE A 64 -2.09 -6.40 -15.13
CA ILE A 64 -3.55 -6.37 -15.42
C ILE A 64 -4.18 -7.71 -14.99
N ASP A 65 -3.60 -8.85 -15.41
CA ASP A 65 -4.22 -10.15 -15.11
C ASP A 65 -4.21 -10.45 -13.61
N ALA A 66 -3.09 -10.17 -12.94
CA ALA A 66 -2.95 -10.49 -11.53
C ALA A 66 -3.92 -9.64 -10.69
N LEU A 67 -3.93 -8.33 -10.91
CA LEU A 67 -4.74 -7.42 -10.08
C LEU A 67 -6.22 -7.64 -10.42
N GLY A 68 -6.53 -7.98 -11.66
CA GLY A 68 -7.89 -8.34 -12.06
C GLY A 68 -8.35 -9.64 -11.40
N SER A 69 -7.53 -10.68 -11.54
CA SER A 69 -7.88 -11.99 -11.01
C SER A 69 -8.08 -11.89 -9.50
N ALA A 70 -7.10 -11.36 -8.76
CA ALA A 70 -7.15 -11.44 -7.30
C ALA A 70 -8.17 -10.47 -6.70
N LEU A 71 -8.28 -9.25 -7.25
CA LEU A 71 -8.86 -8.11 -6.48
C LEU A 71 -9.91 -7.39 -7.31
N ASN A 72 -10.06 -7.71 -8.59
CA ASN A 72 -11.01 -7.00 -9.47
C ASN A 72 -10.57 -5.54 -9.64
N ILE A 73 -9.29 -5.28 -9.70
CA ILE A 73 -8.78 -3.96 -10.10
C ILE A 73 -9.00 -3.84 -11.61
N ASP A 74 -9.50 -2.71 -12.11
CA ASP A 74 -9.73 -2.64 -13.56
C ASP A 74 -8.44 -2.46 -14.32
N ALA A 75 -8.53 -2.68 -15.59
CA ALA A 75 -7.32 -2.67 -16.45
C ALA A 75 -6.67 -1.29 -16.48
N ASN A 76 -7.48 -0.22 -16.51
CA ASN A 76 -6.94 1.15 -16.68
C ASN A 76 -6.14 1.44 -15.41
N LEU A 77 -6.69 1.09 -14.23
CA LEU A 77 -5.95 1.40 -12.97
C LEU A 77 -4.69 0.52 -12.93
N SER A 78 -4.80 -0.75 -13.30
CA SER A 78 -3.65 -1.65 -13.32
C SER A 78 -2.56 -1.05 -14.24
N THR A 79 -2.96 -0.52 -15.38
CA THR A 79 -1.99 0.03 -16.36
C THR A 79 -1.28 1.27 -15.79
N LEU A 80 -2.05 2.14 -15.14
CA LEU A 80 -1.50 3.34 -14.47
C LEU A 80 -0.45 2.87 -13.45
N LEU A 81 -0.83 1.92 -12.57
CA LEU A 81 0.10 1.51 -11.51
C LEU A 81 1.36 0.90 -12.14
N PHE A 82 1.16 0.09 -13.16
CA PHE A 82 2.30 -0.52 -13.87
C PHE A 82 3.23 0.58 -14.38
N GLY A 83 2.65 1.62 -15.00
CA GLY A 83 3.47 2.76 -15.53
C GLY A 83 4.42 3.32 -14.46
N PHE A 84 3.89 3.54 -13.25
CA PHE A 84 4.73 4.01 -12.11
C PHE A 84 5.80 2.96 -11.77
N ALA A 85 5.37 1.71 -11.64
CA ALA A 85 6.25 0.62 -11.24
C ALA A 85 7.46 0.58 -12.19
N ALA A 86 7.21 0.67 -13.48
CA ALA A 86 8.29 0.52 -14.50
C ALA A 86 9.35 1.61 -14.32
N THR A 87 8.99 2.78 -13.82
CA THR A 87 9.98 3.86 -13.58
C THR A 87 11.00 3.42 -12.55
N THR A 88 10.72 2.40 -11.74
CA THR A 88 11.68 2.02 -10.68
C THR A 88 12.73 1.07 -11.21
N ASN A 89 12.49 0.46 -12.36
CA ASN A 89 13.51 -0.46 -12.96
C ASN A 89 14.73 0.37 -13.34
N PRO A 90 15.93 0.02 -12.83
CA PRO A 90 17.15 0.75 -13.20
C PRO A 90 17.41 0.82 -14.72
N GLN A 91 16.92 -0.16 -15.48
CA GLN A 91 17.01 -0.14 -16.98
C GLN A 91 16.05 0.94 -17.48
N PRO A 92 16.50 1.92 -18.26
CA PRO A 92 15.58 2.94 -18.75
C PRO A 92 14.45 2.27 -19.63
N ASN A 93 13.32 3.01 -19.67
CA ASN A 93 12.17 2.78 -20.58
C ASN A 93 11.83 1.30 -20.49
N ALA A 94 11.92 0.73 -19.30
CA ALA A 94 11.73 -0.73 -19.13
C ALA A 94 10.27 -1.14 -19.37
N THR A 95 10.06 -2.37 -19.82
CA THR A 95 8.71 -2.96 -20.06
C THR A 95 8.38 -3.95 -18.96
N PHE A 96 9.23 -4.01 -17.93
CA PHE A 96 8.95 -4.88 -16.76
C PHE A 96 9.53 -4.25 -15.53
N PHE A 97 9.11 -4.79 -14.39
CA PHE A 97 9.81 -4.48 -13.12
C PHE A 97 9.87 -5.73 -12.28
N ASP A 98 10.81 -5.70 -11.37
CA ASP A 98 10.96 -6.73 -10.32
C ASP A 98 10.46 -6.09 -9.00
N LEU A 99 9.93 -6.85 -8.07
CA LEU A 99 9.38 -6.24 -6.85
C LEU A 99 10.43 -5.52 -6.04
N ASP A 100 11.68 -5.89 -6.03
CA ASP A 100 12.66 -5.11 -5.25
C ASP A 100 13.00 -3.77 -5.92
N HIS A 101 12.73 -3.61 -7.22
CA HIS A 101 12.93 -2.29 -7.86
C HIS A 101 12.06 -1.24 -7.15
N LEU A 102 10.91 -1.66 -6.60
CA LEU A 102 9.94 -0.77 -5.94
C LEU A 102 10.49 -0.23 -4.63
N SER A 103 11.50 -0.87 -4.07
CA SER A 103 12.10 -0.48 -2.78
C SER A 103 13.05 0.68 -2.99
N ARG A 104 13.36 1.09 -4.21
CA ARG A 104 14.35 2.18 -4.38
C ARG A 104 13.82 3.46 -3.73
N HIS A 105 14.59 4.02 -2.76
CA HIS A 105 14.09 5.15 -1.99
C HIS A 105 13.80 6.38 -2.85
N ASN A 106 12.66 7.02 -2.60
CA ASN A 106 12.32 8.32 -3.22
C ASN A 106 12.05 8.17 -4.72
N ILE A 107 11.86 6.98 -5.29
CA ILE A 107 11.24 6.89 -6.63
C ILE A 107 9.74 6.79 -6.42
N LEU A 108 9.28 5.64 -5.92
CA LEU A 108 7.90 5.49 -5.42
C LEU A 108 7.94 5.29 -3.93
N GLU A 109 8.90 4.53 -3.44
CA GLU A 109 8.99 4.28 -1.98
C GLU A 109 9.20 5.62 -1.28
N HIS A 110 8.54 5.78 -0.16
CA HIS A 110 8.55 7.07 0.59
C HIS A 110 8.56 6.86 2.11
N ASP A 111 9.08 7.88 2.78
CA ASP A 111 9.00 7.96 4.24
C ASP A 111 7.56 7.95 4.72
N ALA A 112 7.44 7.74 6.03
CA ALA A 112 6.15 7.78 6.76
C ALA A 112 5.22 6.69 6.21
N SER A 113 5.77 5.54 5.94
CA SER A 113 5.00 4.33 5.63
C SER A 113 4.33 3.83 6.92
N LEU A 114 3.20 3.13 6.73
CA LEU A 114 2.36 2.62 7.86
C LEU A 114 3.03 1.43 8.53
N SER A 115 3.84 0.66 7.78
CA SER A 115 4.29 -0.67 8.32
C SER A 115 5.80 -0.88 8.05
N ARG A 116 6.46 0.09 7.44
CA ARG A 116 7.90 0.06 7.10
C ARG A 116 8.58 1.22 7.81
N GLN A 117 9.82 0.99 8.25
CA GLN A 117 10.64 2.13 8.70
C GLN A 117 11.03 2.98 7.49
N ASP A 118 11.39 4.22 7.81
CA ASP A 118 12.05 5.12 6.86
C ASP A 118 13.42 4.52 6.50
N SER A 119 13.82 4.76 5.25
CA SER A 119 15.10 4.27 4.66
C SER A 119 16.26 4.74 5.53
N TYR A 120 16.15 5.95 6.07
CA TYR A 120 17.23 6.51 6.91
C TYR A 120 17.61 5.53 8.04
N PHE A 121 16.63 4.92 8.69
CA PHE A 121 16.87 4.07 9.87
C PHE A 121 17.36 2.68 9.50
N GLY A 122 16.77 2.16 8.44
CA GLY A 122 16.99 0.77 8.06
C GLY A 122 16.22 0.44 6.80
N PRO A 123 16.33 -0.81 6.32
CA PRO A 123 15.65 -1.21 5.10
C PRO A 123 14.16 -0.86 5.11
N ALA A 124 13.71 -0.16 4.08
CA ALA A 124 12.32 0.34 4.00
C ALA A 124 11.46 -0.62 3.18
N ASP A 125 11.86 -1.88 3.03
CA ASP A 125 11.07 -2.84 2.22
C ASP A 125 10.25 -3.81 3.11
N VAL A 126 10.81 -4.25 4.22
CA VAL A 126 10.25 -5.33 5.03
C VAL A 126 9.36 -4.73 6.11
N PHE A 127 8.38 -5.53 6.48
CA PHE A 127 7.51 -5.25 7.65
C PHE A 127 8.34 -4.82 8.84
N ASN A 128 7.85 -3.84 9.59
CA ASN A 128 8.51 -3.34 10.80
C ASN A 128 7.47 -3.32 11.91
N GLU A 129 7.68 -4.11 12.94
CA GLU A 129 6.67 -4.25 14.03
CA GLU A 129 6.67 -4.24 14.02
C GLU A 129 6.52 -2.91 14.79
N ALA A 130 7.62 -2.25 15.12
CA ALA A 130 7.50 -0.97 15.86
C ALA A 130 6.61 0.03 15.09
N VAL A 131 6.86 0.16 13.80
CA VAL A 131 6.11 1.13 12.99
C VAL A 131 4.64 0.68 12.92
N PHE A 132 4.40 -0.59 12.64
CA PHE A 132 3.03 -1.06 12.50
C PHE A 132 2.27 -0.99 13.83
N ASN A 133 2.99 -1.14 14.95
CA ASN A 133 2.32 -0.94 16.27
C ASN A 133 1.80 0.50 16.40
N GLN A 134 2.51 1.47 15.85
CA GLN A 134 2.03 2.86 15.93
C GLN A 134 0.74 2.93 15.09
N THR A 135 0.82 2.57 13.85
CA THR A 135 -0.36 2.61 12.93
C THR A 135 -1.56 1.99 13.61
N LYS A 136 -1.42 0.76 14.08
CA LYS A 136 -2.51 -0.03 14.67
C LYS A 136 -3.18 0.76 15.80
N SER A 137 -2.40 1.50 16.56
CA SER A 137 -2.92 2.19 17.74
C SER A 137 -3.93 3.29 17.31
N PHE A 138 -3.90 3.74 16.05
CA PHE A 138 -4.86 4.76 15.51
C PHE A 138 -6.05 4.09 14.86
N TRP A 139 -6.06 2.76 14.75
CA TRP A 139 -7.24 2.02 14.28
C TRP A 139 -8.06 1.60 15.50
N THR A 140 -8.90 2.51 15.97
CA THR A 140 -9.43 2.41 17.33
C THR A 140 -10.69 1.57 17.47
N GLY A 141 -11.20 1.03 16.42
CA GLY A 141 -12.39 0.18 16.48
C GLY A 141 -12.14 -1.09 15.66
N ASP A 142 -13.12 -1.99 15.67
CA ASP A 142 -13.03 -3.24 14.90
C ASP A 142 -13.21 -2.99 13.42
N ILE A 143 -13.79 -1.87 13.06
CA ILE A 143 -14.00 -1.48 11.66
C ILE A 143 -13.20 -0.21 11.45
N ILE A 144 -12.31 -0.26 10.48
CA ILE A 144 -11.57 0.95 10.10
C ILE A 144 -12.44 1.79 9.17
N ASP A 145 -12.58 3.07 9.52
CA ASP A 145 -13.27 4.01 8.61
C ASP A 145 -12.24 5.00 8.02
N VAL A 146 -12.72 5.92 7.23
CA VAL A 146 -11.81 6.88 6.56
C VAL A 146 -11.14 7.70 7.65
N GLN A 147 -11.91 8.07 8.68
CA GLN A 147 -11.37 8.92 9.75
C GLN A 147 -10.14 8.25 10.39
N MET A 148 -10.28 6.99 10.78
N MET A 148 -10.28 6.99 10.78
CA MET A 148 -9.15 6.27 11.42
CA MET A 148 -9.18 6.24 11.41
C MET A 148 -7.99 6.13 10.43
C MET A 148 -8.00 6.11 10.44
N ALA A 149 -8.26 5.84 9.18
CA ALA A 149 -7.18 5.70 8.18
C ALA A 149 -6.44 7.03 8.04
N ALA A 150 -7.18 8.14 7.97
CA ALA A 150 -6.58 9.46 7.79
C ALA A 150 -5.74 9.75 9.03
N ASN A 151 -6.26 9.43 10.22
CA ASN A 151 -5.57 9.78 11.47
C ASN A 151 -4.26 9.00 11.57
N ALA A 152 -4.27 7.72 11.20
CA ALA A 152 -3.04 6.90 11.28
C ALA A 152 -1.95 7.45 10.36
N ARG A 153 -2.35 7.80 9.18
CA ARG A 153 -1.38 8.34 8.15
C ARG A 153 -0.76 9.63 8.68
N ILE A 154 -1.61 10.53 9.18
CA ILE A 154 -1.16 11.84 9.73
C ILE A 154 -0.08 11.56 10.76
N VAL A 155 -0.32 10.66 11.70
CA VAL A 155 0.65 10.60 12.79
CA VAL A 155 0.64 10.48 12.84
C VAL A 155 1.98 10.02 12.28
N ARG A 156 1.92 9.19 11.27
CA ARG A 156 3.16 8.69 10.63
C ARG A 156 3.94 9.87 10.00
N LEU A 157 3.26 10.74 9.25
CA LEU A 157 3.94 11.89 8.64
C LEU A 157 4.62 12.72 9.73
N LEU A 158 3.89 13.05 10.80
CA LEU A 158 4.44 13.98 11.81
C LEU A 158 5.59 13.27 12.53
N THR A 159 5.43 12.00 12.86
CA THR A 159 6.45 11.22 13.56
C THR A 159 7.73 11.18 12.75
N SER A 160 7.64 10.81 11.48
CA SER A 160 8.85 10.78 10.63
C SER A 160 9.48 12.16 10.56
N ASN A 161 8.70 13.22 10.40
CA ASN A 161 9.32 14.56 10.29
C ASN A 161 10.07 14.88 11.59
N LEU A 162 9.55 14.49 12.75
CA LEU A 162 10.19 14.87 14.01
C LEU A 162 11.27 13.88 14.43
N THR A 163 11.45 12.73 13.75
CA THR A 163 12.45 11.75 14.17
C THR A 163 13.52 11.43 13.12
N ASN A 164 13.27 11.79 11.88
CA ASN A 164 14.15 11.44 10.73
C ASN A 164 14.73 12.72 10.19
N PRO A 165 16.03 13.03 10.46
CA PRO A 165 16.59 14.26 9.93
C PRO A 165 16.67 14.35 8.41
N GLU A 166 16.52 13.22 7.72
CA GLU A 166 16.45 13.17 6.23
C GLU A 166 15.04 13.01 5.71
N TYR A 167 14.03 13.22 6.57
CA TYR A 167 12.61 13.07 6.13
C TYR A 167 12.38 13.91 4.88
N SER A 168 11.66 13.31 3.95
CA SER A 168 11.26 13.97 2.71
C SER A 168 9.97 13.32 2.22
N LEU A 169 9.17 14.10 1.52
CA LEU A 169 7.96 13.56 0.86
C LEU A 169 7.70 14.38 -0.38
N SER A 170 7.93 13.76 -1.51
CA SER A 170 7.81 14.38 -2.82
C SER A 170 6.31 14.51 -3.11
N ASP A 171 5.98 15.25 -4.12
CA ASP A 171 4.55 15.34 -4.57
C ASP A 171 4.04 13.94 -4.88
N LEU A 172 4.84 13.16 -5.62
CA LEU A 172 4.43 11.81 -6.01
C LEU A 172 4.32 10.95 -4.74
N GLY A 173 5.28 11.06 -3.81
CA GLY A 173 5.24 10.26 -2.59
C GLY A 173 4.00 10.60 -1.77
N SER A 174 3.60 11.86 -1.69
CA SER A 174 2.41 12.25 -0.95
C SER A 174 1.16 11.66 -1.62
N ALA A 175 1.08 11.73 -2.93
CA ALA A 175 -0.07 11.17 -3.66
C ALA A 175 -0.15 9.65 -3.39
N PHE A 176 1.00 9.00 -3.43
CA PHE A 176 1.11 7.55 -3.13
C PHE A 176 0.59 7.34 -1.70
N SER A 177 1.15 8.08 -0.71
CA SER A 177 0.76 7.86 0.68
C SER A 177 -0.77 7.91 0.81
N ILE A 178 -1.35 8.96 0.31
CA ILE A 178 -2.80 9.13 0.48
C ILE A 178 -3.53 7.97 -0.23
N GLY A 179 -3.07 7.60 -1.43
CA GLY A 179 -3.75 6.55 -2.20
C GLY A 179 -3.53 5.17 -1.59
N GLU A 180 -2.45 4.95 -0.79
CA GLU A 180 -2.22 3.62 -0.17
C GLU A 180 -3.27 3.42 0.93
N SER A 181 -3.61 4.48 1.67
CA SER A 181 -4.66 4.36 2.72
C SER A 181 -6.03 4.19 2.04
N ALA A 182 -6.25 4.91 0.94
CA ALA A 182 -7.48 4.71 0.17
C ALA A 182 -7.57 3.26 -0.28
N ALA A 183 -6.46 2.71 -0.75
CA ALA A 183 -6.43 1.37 -1.34
C ALA A 183 -6.83 0.29 -0.32
N TYR A 184 -6.25 0.31 0.87
CA TYR A 184 -6.57 -0.79 1.84
C TYR A 184 -8.05 -0.73 2.19
N ILE A 185 -8.64 0.48 2.29
CA ILE A 185 -10.08 0.57 2.54
C ILE A 185 -10.83 0.04 1.33
N GLY A 186 -10.58 0.57 0.15
CA GLY A 186 -11.49 0.29 -0.93
C GLY A 186 -11.23 -0.99 -1.66
N ILE A 187 -10.03 -1.52 -1.61
CA ILE A 187 -9.70 -2.78 -2.30
C ILE A 187 -9.94 -3.98 -1.38
N LEU A 188 -9.54 -3.90 -0.12
CA LEU A 188 -9.79 -4.99 0.83
C LEU A 188 -11.19 -4.91 1.44
N GLY A 189 -11.79 -3.71 1.54
CA GLY A 189 -13.07 -3.53 2.24
C GLY A 189 -14.15 -3.09 1.28
N ASP A 190 -14.99 -2.22 1.79
CA ASP A 190 -16.21 -1.78 1.07
C ASP A 190 -15.99 -0.36 0.62
N LYS A 191 -15.80 -0.14 -0.69
CA LYS A 191 -15.48 1.22 -1.16
C LYS A 191 -16.69 2.14 -1.00
N LYS A 192 -17.90 1.59 -0.82
CA LYS A 192 -19.13 2.44 -0.81
C LYS A 192 -19.35 3.02 0.58
N SER A 193 -19.25 2.19 1.61
CA SER A 193 -19.28 2.63 3.02
C SER A 193 -17.91 3.18 3.37
N ALA A 194 -16.86 2.94 2.56
CA ALA A 194 -15.47 3.35 2.86
C ALA A 194 -15.10 2.86 4.25
N THR A 195 -15.25 1.56 4.44
CA THR A 195 -14.88 0.87 5.68
C THR A 195 -14.26 -0.50 5.36
N VAL A 196 -13.41 -0.96 6.24
CA VAL A 196 -12.83 -2.32 6.13
C VAL A 196 -12.62 -2.88 7.53
N PRO A 197 -12.83 -4.18 7.76
CA PRO A 197 -12.55 -4.74 9.06
C PRO A 197 -11.07 -4.64 9.42
N LYS A 198 -10.80 -4.16 10.64
CA LYS A 198 -9.43 -3.99 11.09
C LYS A 198 -8.66 -5.31 10.97
N SER A 199 -9.27 -6.41 11.39
CA SER A 199 -8.57 -7.71 11.39
C SER A 199 -8.06 -8.05 9.99
N TRP A 200 -8.81 -7.67 8.95
CA TRP A 200 -8.40 -8.02 7.60
C TRP A 200 -7.14 -7.26 7.23
N VAL A 201 -7.12 -5.98 7.53
CA VAL A 201 -5.97 -5.12 7.21
C VAL A 201 -4.75 -5.58 8.01
N GLU A 202 -4.92 -5.86 9.29
CA GLU A 202 -3.78 -6.31 10.12
C GLU A 202 -3.26 -7.66 9.57
N TYR A 203 -4.15 -8.54 9.10
CA TYR A 203 -3.76 -9.85 8.59
C TYR A 203 -2.94 -9.66 7.31
N LEU A 204 -3.41 -8.85 6.39
CA LEU A 204 -2.66 -8.60 5.15
C LEU A 204 -1.24 -8.14 5.50
N PHE A 205 -1.12 -7.12 6.32
CA PHE A 205 0.21 -6.57 6.65
C PHE A 205 1.10 -7.59 7.35
N GLU A 206 0.54 -8.29 8.33
CA GLU A 206 1.33 -9.15 9.23
C GLU A 206 1.69 -10.48 8.56
N ASN A 207 0.92 -10.89 7.57
CA ASN A 207 1.13 -12.22 6.94
C ASN A 207 1.51 -12.16 5.45
N GLU A 208 1.17 -11.08 4.77
CA GLU A 208 1.28 -10.96 3.32
C GLU A 208 0.57 -12.16 2.69
N ARG A 209 -0.64 -12.31 3.13
CA ARG A 209 -1.57 -13.35 2.68
C ARG A 209 -2.97 -12.70 2.69
N LEU A 210 -3.83 -13.04 1.75
CA LEU A 210 -5.19 -12.45 1.73
C LEU A 210 -6.05 -13.09 2.82
N PRO A 211 -6.83 -12.28 3.52
CA PRO A 211 -7.57 -12.75 4.70
C PRO A 211 -8.91 -13.40 4.32
N TYR A 212 -8.88 -14.34 3.42
CA TYR A 212 -10.12 -15.04 2.99
C TYR A 212 -10.84 -15.67 4.20
N GLU A 213 -10.09 -16.30 5.10
CA GLU A 213 -10.67 -17.04 6.24
C GLU A 213 -11.33 -16.09 7.24
N LEU A 214 -10.94 -14.84 7.25
CA LEU A 214 -11.58 -13.81 8.12
C LEU A 214 -12.81 -13.22 7.45
N GLY A 215 -13.03 -13.52 6.18
CA GLY A 215 -14.22 -13.02 5.49
C GLY A 215 -13.96 -12.34 4.18
N PHE A 216 -12.72 -11.97 3.90
CA PHE A 216 -12.42 -11.30 2.60
C PHE A 216 -12.89 -12.17 1.43
N LYS A 217 -13.48 -11.50 0.45
CA LYS A 217 -13.92 -12.10 -0.79
C LYS A 217 -13.60 -11.13 -1.92
N ARG A 218 -13.13 -11.63 -3.03
CA ARG A 218 -12.90 -10.75 -4.17
C ARG A 218 -14.18 -9.98 -4.48
N PRO A 219 -14.14 -8.62 -4.61
CA PRO A 219 -15.37 -7.90 -4.96
C PRO A 219 -15.94 -8.16 -6.37
N ASN A 220 -17.29 -8.15 -6.58
CA ASN A 220 -17.86 -8.34 -7.95
C ASN A 220 -17.77 -7.07 -8.77
N ASP A 221 -17.67 -5.91 -8.16
CA ASP A 221 -17.60 -4.65 -8.93
C ASP A 221 -16.12 -4.32 -9.12
N PRO A 222 -15.69 -3.93 -10.33
CA PRO A 222 -14.32 -3.50 -10.47
C PRO A 222 -13.98 -2.25 -9.66
N PHE A 223 -12.76 -2.23 -9.17
CA PHE A 223 -12.16 -1.05 -8.51
C PHE A 223 -11.40 -0.22 -9.54
N THR A 224 -11.82 1.05 -9.64
CA THR A 224 -11.37 1.95 -10.71
C THR A 224 -10.50 3.09 -10.21
N THR A 225 -9.89 3.78 -11.16
CA THR A 225 -9.09 4.97 -10.89
C THR A 225 -10.02 5.99 -10.18
N ASP A 226 -11.26 6.14 -10.63
CA ASP A 226 -12.18 7.10 -10.01
C ASP A 226 -12.52 6.68 -8.58
N ASP A 227 -12.64 5.38 -8.31
CA ASP A 227 -12.90 4.88 -6.95
C ASP A 227 -11.69 5.32 -6.07
N LEU A 228 -10.46 5.14 -6.56
CA LEU A 228 -9.28 5.49 -5.78
C LEU A 228 -9.25 6.98 -5.52
N GLY A 229 -9.56 7.78 -6.51
CA GLY A 229 -9.55 9.23 -6.35
C GLY A 229 -10.59 9.66 -5.32
N ASP A 230 -11.77 9.07 -5.39
CA ASP A 230 -12.90 9.40 -4.48
C ASP A 230 -12.48 9.11 -3.04
N LEU A 231 -11.88 7.95 -2.79
CA LEU A 231 -11.48 7.62 -1.41
C LEU A 231 -10.31 8.52 -0.98
N SER A 232 -9.43 8.90 -1.92
CA SER A 232 -8.27 9.75 -1.61
C SER A 232 -8.80 11.13 -1.13
N THR A 233 -9.82 11.64 -1.82
CA THR A 233 -10.41 12.94 -1.45
C THR A 233 -11.06 12.79 -0.06
N GLN A 234 -11.73 11.67 0.18
CA GLN A 234 -12.32 11.43 1.53
C GLN A 234 -11.23 11.49 2.61
N ILE A 235 -10.11 10.81 2.36
N ILE A 235 -10.10 10.88 2.37
CA ILE A 235 -8.97 10.81 3.31
CA ILE A 235 -9.03 10.89 3.40
C ILE A 235 -8.57 12.27 3.62
C ILE A 235 -8.58 12.32 3.66
N ILE A 236 -8.30 13.06 2.58
CA ILE A 236 -7.86 14.46 2.78
CA ILE A 236 -7.90 14.48 2.70
C ILE A 236 -8.95 15.24 3.53
N ASN A 237 -10.20 15.03 3.21
CA ASN A 237 -11.28 15.79 3.88
C ASN A 237 -11.40 15.40 5.36
N ALA A 238 -10.85 14.25 5.76
CA ALA A 238 -10.93 13.78 7.16
C ALA A 238 -9.73 14.33 7.93
N GLN A 239 -8.90 15.16 7.29
CA GLN A 239 -7.75 15.79 7.99
C GLN A 239 -8.19 17.14 8.54
N HIS A 240 -7.96 17.38 9.80
CA HIS A 240 -8.44 18.61 10.48
C HIS A 240 -7.30 19.31 11.20
N PHE A 241 -6.24 19.65 10.53
CA PHE A 241 -5.14 20.41 11.17
C PHE A 241 -5.61 21.86 11.31
N PRO A 242 -5.29 22.53 12.43
CA PRO A 242 -5.53 23.97 12.56
C PRO A 242 -4.64 24.72 11.56
N GLN A 243 -3.48 24.13 11.33
CA GLN A 243 -2.47 24.67 10.41
C GLN A 243 -1.68 23.44 9.92
N SER A 244 -1.53 23.23 8.61
CA SER A 244 -0.92 21.99 8.09
C SER A 244 0.57 22.10 8.26
N PRO A 245 1.18 21.12 8.90
CA PRO A 245 2.64 21.06 8.95
C PRO A 245 3.24 20.25 7.81
N GLY A 246 3.72 20.95 6.82
CA GLY A 246 4.35 20.36 5.65
C GLY A 246 3.40 19.61 4.75
N LYS A 247 3.95 18.61 4.08
CA LYS A 247 3.25 17.97 2.96
C LYS A 247 2.23 16.96 3.49
N VAL A 248 0.99 17.38 3.61
CA VAL A 248 -0.11 16.55 4.15
C VAL A 248 -1.25 16.36 3.15
N GLU A 249 -1.24 17.15 1.86
CA GLU A 249 -2.34 16.89 0.85
C GLU A 249 -1.99 17.20 -0.60
#